data_4BT1
#
_entry.id   4BT1
#
_cell.length_a   1.000
_cell.length_b   1.000
_cell.length_c   1.000
_cell.angle_alpha   90.00
_cell.angle_beta   90.00
_cell.angle_gamma   90.00
#
_symmetry.space_group_name_H-M   'P 1'
#
loop_
_entity.id
_entity.type
_entity.pdbx_description
1 polymer 'TRANSCRIPTIONAL REGULATOR'
2 polymer 'TRANSCRIPTIONAL REGULATOR'
3 non-polymer "ADENOSINE-5'-DIPHOSPHATE"
#
loop_
_entity_poly.entity_id
_entity_poly.type
_entity_poly.pdbx_seq_one_letter_code
_entity_poly.pdbx_strand_id
1 'polypeptide(L)' ERKEDIIPLANHFLKKFSRKYAKEVEGFTKSAQELLLSYPWYGNVRELKNVIERAVLFSEGKFIDRGELSCLV A
2 'polypeptide(L)'
;EEYVFESPKMKEILEKIKKISCAECPVLITGESGVGKEVVARLIHKLSDRSKEPFVALNVASIPRDIFEAELFGYEKGAF
TGAVSSKEGFFELADGGTLFLDEIGELSLEAQAKLLRVIESGKFYRLGGRKEIEVNVRILAATNRNIKELVKEGKFREDL
YYRLGVIEIEIPP
;
B
#
loop_
_chem_comp.id
_chem_comp.type
_chem_comp.name
_chem_comp.formula
ADP non-polymer ADENOSINE-5'-DIPHOSPHATE 'C10 H15 N5 O10 P2'
#
# COMPACT_ATOMS: atom_id res chain seq x y z
N GLU A 1 12.57 -6.55 21.84
CA GLU A 1 13.57 -6.65 22.93
C GLU A 1 14.14 -5.26 23.29
N ARG A 2 13.31 -4.24 23.13
CA ARG A 2 13.71 -2.88 23.40
C ARG A 2 12.44 -2.15 23.73
N LYS A 3 11.61 -2.76 24.56
CA LYS A 3 10.33 -2.16 24.89
C LYS A 3 10.50 -0.72 25.34
N GLU A 4 11.74 -0.38 25.67
CA GLU A 4 12.07 0.98 26.10
C GLU A 4 12.15 1.90 24.86
N ASP A 5 11.99 1.29 23.68
CA ASP A 5 12.04 2.01 22.39
C ASP A 5 10.67 2.20 21.77
N ILE A 6 9.82 1.21 21.91
CA ILE A 6 8.50 1.29 21.33
C ILE A 6 7.79 2.62 21.65
N ILE A 7 7.55 2.89 22.92
CA ILE A 7 6.87 4.13 23.29
C ILE A 7 7.55 5.44 22.82
N PRO A 8 8.91 5.50 22.80
CA PRO A 8 9.58 6.74 22.34
C PRO A 8 9.46 6.88 20.81
N LEU A 9 9.83 5.81 20.10
CA LEU A 9 9.76 5.71 18.65
C LEU A 9 8.33 6.09 18.24
N ALA A 10 7.39 5.22 18.60
CA ALA A 10 5.97 5.42 18.32
C ALA A 10 5.64 6.90 18.39
N ASN A 11 6.05 7.51 19.50
CA ASN A 11 5.84 8.91 19.77
C ASN A 11 6.57 9.76 18.75
N HIS A 12 7.69 9.27 18.24
CA HIS A 12 8.39 10.03 17.22
C HIS A 12 7.40 10.12 16.06
N PHE A 13 7.11 8.94 15.49
CA PHE A 13 6.19 8.69 14.37
C PHE A 13 4.89 9.47 14.52
N LEU A 14 4.17 9.22 15.60
CA LEU A 14 2.90 9.92 15.79
C LEU A 14 3.09 11.40 15.55
N LYS A 15 4.31 11.91 15.75
CA LYS A 15 4.58 13.34 15.56
C LYS A 15 4.78 13.66 14.08
N LYS A 16 5.62 12.86 13.43
CA LYS A 16 5.92 13.01 12.01
C LYS A 16 4.65 13.19 11.22
N PHE A 17 3.85 12.12 11.22
CA PHE A 17 2.56 12.00 10.52
C PHE A 17 1.49 13.01 10.98
N SER A 18 1.32 13.19 12.28
CA SER A 18 0.34 14.16 12.79
C SER A 18 0.60 15.50 12.14
N ARG A 19 1.86 15.70 11.75
CA ARG A 19 2.26 16.94 11.12
C ARG A 19 2.19 16.77 9.61
N LYS A 20 2.42 15.55 9.13
CA LYS A 20 2.38 15.26 7.70
C LYS A 20 1.00 15.31 7.10
N TYR A 21 -0.01 14.89 7.86
CA TYR A 21 -1.38 14.89 7.38
C TYR A 21 -2.24 15.94 8.09
N ALA A 22 -1.57 16.88 8.75
CA ALA A 22 -2.27 17.94 9.47
C ALA A 22 -3.38 17.43 10.36
N LYS A 23 -3.06 16.48 11.23
CA LYS A 23 -4.05 15.92 12.13
C LYS A 23 -3.82 16.37 13.57
N GLU A 24 -4.85 16.86 14.24
CA GLU A 24 -4.69 17.29 15.62
C GLU A 24 -4.44 16.12 16.61
N VAL A 25 -3.54 15.21 16.27
CA VAL A 25 -3.26 14.09 17.14
C VAL A 25 -2.03 14.34 18.01
N GLU A 26 -2.24 14.44 19.32
CA GLU A 26 -1.15 14.71 20.29
C GLU A 26 -0.37 13.49 20.77
N GLY A 27 -1.07 12.38 20.99
CA GLY A 27 -0.39 11.18 21.44
C GLY A 27 -1.27 10.03 21.88
N PHE A 28 -0.62 8.95 22.26
CA PHE A 28 -1.30 7.76 22.69
C PHE A 28 -1.76 7.79 24.13
N THR A 29 -2.85 7.07 24.41
CA THR A 29 -3.40 6.94 25.74
C THR A 29 -2.69 5.77 26.43
N LYS A 30 -2.87 5.63 27.74
CA LYS A 30 -2.22 4.55 28.47
C LYS A 30 -2.60 3.23 27.80
N SER A 31 -3.90 2.95 27.85
CA SER A 31 -4.49 1.74 27.26
C SER A 31 -3.82 1.39 25.94
N ALA A 32 -3.54 2.41 25.13
CA ALA A 32 -2.90 2.23 23.84
C ALA A 32 -1.44 1.94 24.04
N GLN A 33 -0.77 2.78 24.82
CA GLN A 33 0.64 2.59 25.05
C GLN A 33 0.95 1.17 25.49
N GLU A 34 0.06 0.57 26.27
CA GLU A 34 0.27 -0.80 26.72
C GLU A 34 0.38 -1.70 25.50
N LEU A 35 -0.71 -1.76 24.75
CA LEU A 35 -0.79 -2.58 23.54
C LEU A 35 0.50 -2.50 22.73
N LEU A 36 0.88 -1.29 22.35
CA LEU A 36 2.09 -1.08 21.57
C LEU A 36 3.30 -1.79 22.17
N LEU A 37 3.37 -1.82 23.50
CA LEU A 37 4.47 -2.48 24.17
C LEU A 37 4.34 -4.01 24.17
N SER A 38 3.12 -4.52 24.10
CA SER A 38 2.90 -5.97 24.11
C SER A 38 3.05 -6.59 22.72
N TYR A 39 2.63 -5.86 21.69
CA TYR A 39 2.73 -6.38 20.32
C TYR A 39 4.15 -6.89 20.12
N PRO A 40 4.33 -7.99 19.38
CA PRO A 40 5.66 -8.54 19.14
C PRO A 40 6.53 -7.76 18.15
N TRP A 41 5.89 -6.94 17.31
CA TRP A 41 6.60 -6.14 16.31
C TRP A 41 7.58 -6.97 15.52
N TYR A 42 7.05 -7.83 14.65
CA TYR A 42 7.92 -8.68 13.85
C TYR A 42 8.63 -7.77 12.88
N GLY A 43 7.87 -6.84 12.32
CA GLY A 43 8.43 -5.90 11.36
C GLY A 43 9.36 -4.97 12.10
N ASN A 44 9.17 -4.88 13.41
CA ASN A 44 9.99 -4.03 14.27
C ASN A 44 9.70 -2.54 13.99
N VAL A 45 10.76 -1.74 14.00
CA VAL A 45 10.64 -0.31 13.78
C VAL A 45 9.83 0.05 12.56
N ARG A 46 10.02 -0.75 11.51
CA ARG A 46 9.31 -0.53 10.25
C ARG A 46 7.81 -0.67 10.48
N GLU A 47 7.39 -1.85 10.91
CA GLU A 47 5.98 -2.11 11.15
C GLU A 47 5.30 -1.05 12.04
N LEU A 48 6.04 -0.52 13.02
CA LEU A 48 5.48 0.47 13.93
C LEU A 48 5.32 1.77 13.18
N LYS A 49 6.24 2.01 12.25
CA LYS A 49 6.19 3.22 11.44
C LYS A 49 4.87 3.22 10.68
N ASN A 50 4.57 2.09 10.05
CA ASN A 50 3.33 1.93 9.31
C ASN A 50 2.14 1.92 10.26
N VAL A 51 2.11 0.97 11.19
CA VAL A 51 1.01 0.92 12.13
C VAL A 51 0.55 2.28 12.63
N ILE A 52 1.47 3.25 12.71
CA ILE A 52 1.12 4.57 13.24
C ILE A 52 0.80 5.63 12.21
N GLU A 53 1.40 5.53 11.03
CA GLU A 53 1.04 6.49 10.00
C GLU A 53 -0.46 6.20 9.91
N ARG A 54 -0.77 4.91 9.75
CA ARG A 54 -2.13 4.37 9.63
C ARG A 54 -3.05 4.75 10.77
N ALA A 55 -2.51 4.71 11.97
CA ALA A 55 -3.29 5.09 13.12
C ALA A 55 -3.46 6.63 13.17
N VAL A 56 -2.49 7.38 12.62
CA VAL A 56 -2.60 8.82 12.64
C VAL A 56 -3.72 9.22 11.71
N LEU A 57 -3.76 8.61 10.53
CA LEU A 57 -4.83 8.88 9.56
C LEU A 57 -6.21 8.46 10.11
N PHE A 58 -6.29 7.23 10.62
CA PHE A 58 -7.53 6.73 11.20
C PHE A 58 -7.95 7.53 12.42
N SER A 59 -7.03 8.25 13.03
CA SER A 59 -7.34 9.03 14.24
C SER A 59 -8.50 10.02 14.03
N GLU A 60 -9.35 10.14 15.04
CA GLU A 60 -10.50 11.04 14.96
C GLU A 60 -10.38 12.23 15.91
N GLY A 61 -9.95 11.98 17.14
CA GLY A 61 -9.81 13.05 18.12
C GLY A 61 -8.38 13.56 18.25
N LYS A 62 -7.93 13.70 19.50
CA LYS A 62 -6.58 14.17 19.81
C LYS A 62 -5.70 13.02 20.25
N PHE A 63 -6.32 11.90 20.61
CA PHE A 63 -5.56 10.76 21.07
C PHE A 63 -5.85 9.41 20.41
N ILE A 64 -4.98 8.45 20.67
CA ILE A 64 -5.09 7.12 20.11
C ILE A 64 -5.05 6.09 21.22
N ASP A 65 -6.03 5.17 21.23
CA ASP A 65 -6.05 4.09 22.23
C ASP A 65 -6.47 2.78 21.59
N ARG A 66 -6.67 1.75 22.42
CA ARG A 66 -7.06 0.42 21.95
C ARG A 66 -7.83 0.52 20.65
N GLY A 67 -8.68 1.55 20.56
CA GLY A 67 -9.51 1.77 19.38
C GLY A 67 -8.87 1.53 18.02
N GLU A 68 -8.21 2.55 17.50
CA GLU A 68 -7.56 2.45 16.19
C GLU A 68 -6.51 1.35 16.14
N LEU A 69 -5.69 1.25 17.19
CA LEU A 69 -4.64 0.25 17.23
C LEU A 69 -5.13 -1.19 17.03
N SER A 70 -6.05 -1.64 17.87
CA SER A 70 -6.57 -3.01 17.76
C SER A 70 -6.88 -3.36 16.30
N CYS A 71 -7.32 -2.35 15.55
CA CYS A 71 -7.64 -2.53 14.14
C CYS A 71 -6.50 -3.30 13.49
N LEU A 72 -5.30 -3.05 13.98
CA LEU A 72 -4.11 -3.70 13.48
C LEU A 72 -3.55 -4.60 14.57
N VAL A 73 -2.67 -4.05 15.40
CA VAL A 73 -2.03 -4.77 16.50
C VAL A 73 -2.99 -5.51 17.41
N GLU B 1 -28.83 7.95 -8.85
CA GLU B 1 -28.79 7.28 -7.50
C GLU B 1 -27.37 7.11 -6.91
N GLU B 2 -27.11 6.01 -6.21
CA GLU B 2 -25.80 5.78 -5.57
C GLU B 2 -25.12 4.39 -5.71
N TYR B 3 -24.18 4.10 -4.80
CA TYR B 3 -23.43 2.83 -4.75
C TYR B 3 -23.92 2.04 -3.52
N VAL B 4 -23.30 0.92 -3.19
CA VAL B 4 -23.79 0.13 -2.04
C VAL B 4 -22.89 -0.29 -0.87
N PHE B 5 -23.12 0.32 0.29
CA PHE B 5 -22.39 0.02 1.54
C PHE B 5 -23.38 0.21 2.68
N GLU B 6 -23.64 -0.85 3.45
CA GLU B 6 -24.57 -0.74 4.57
C GLU B 6 -24.29 -1.69 5.75
N SER B 7 -23.53 -2.75 5.55
CA SER B 7 -23.23 -3.66 6.65
C SER B 7 -22.21 -2.98 7.57
N PRO B 8 -22.24 -3.29 8.88
CA PRO B 8 -21.29 -2.65 9.79
C PRO B 8 -19.83 -2.65 9.30
N LYS B 9 -19.25 -3.84 9.14
CA LYS B 9 -17.86 -3.96 8.71
C LYS B 9 -17.52 -3.19 7.43
N MET B 10 -18.54 -2.90 6.63
CA MET B 10 -18.34 -2.17 5.39
C MET B 10 -18.73 -0.72 5.60
N LYS B 11 -19.69 -0.52 6.49
CA LYS B 11 -20.17 0.81 6.86
C LYS B 11 -18.88 1.47 7.32
N GLU B 12 -18.03 0.60 7.83
CA GLU B 12 -16.73 0.94 8.37
C GLU B 12 -15.79 1.16 7.21
N ILE B 13 -15.31 0.06 6.65
CA ILE B 13 -14.38 0.12 5.52
C ILE B 13 -14.56 1.32 4.61
N LEU B 14 -15.80 1.81 4.45
CA LEU B 14 -15.99 2.98 3.59
C LEU B 14 -15.22 4.12 4.26
N GLU B 15 -15.53 4.38 5.53
CA GLU B 15 -14.86 5.43 6.27
C GLU B 15 -13.36 5.28 6.21
N LYS B 16 -12.85 4.11 6.58
CA LYS B 16 -11.41 3.92 6.51
C LYS B 16 -10.91 4.52 5.19
N ILE B 17 -11.66 4.27 4.11
CA ILE B 17 -11.35 4.78 2.78
C ILE B 17 -11.34 6.30 2.87
N LYS B 18 -12.45 6.86 3.34
CA LYS B 18 -12.59 8.30 3.49
C LYS B 18 -11.44 8.96 4.25
N LYS B 19 -11.06 8.38 5.39
CA LYS B 19 -9.95 8.92 6.16
C LYS B 19 -8.69 8.88 5.29
N ILE B 20 -8.30 7.69 4.86
CA ILE B 20 -7.15 7.50 3.98
C ILE B 20 -7.10 8.53 2.87
N SER B 21 -8.23 9.20 2.64
CA SER B 21 -8.33 10.20 1.60
C SER B 21 -7.05 10.96 1.37
N CYS B 22 -6.77 11.86 2.30
CA CYS B 22 -5.60 12.69 2.23
C CYS B 22 -4.28 11.94 2.26
N ALA B 23 -4.21 10.71 1.76
CA ALA B 23 -2.94 10.01 1.81
C ALA B 23 -2.45 9.51 0.47
N GLU B 24 -1.28 8.85 0.46
CA GLU B 24 -0.70 8.33 -0.76
C GLU B 24 0.09 7.06 -0.51
N CYS B 25 0.19 6.68 0.75
CA CYS B 25 0.90 5.46 1.08
C CYS B 25 0.20 4.34 0.35
N PRO B 26 0.95 3.36 -0.13
CA PRO B 26 0.28 2.27 -0.83
C PRO B 26 -0.82 1.66 0.05
N VAL B 27 -1.70 0.88 -0.55
CA VAL B 27 -2.75 0.24 0.22
C VAL B 27 -2.86 -1.21 -0.19
N LEU B 28 -2.99 -2.10 0.79
CA LEU B 28 -3.15 -3.51 0.49
C LEU B 28 -4.55 -4.03 0.80
N ILE B 29 -5.29 -4.35 -0.26
CA ILE B 29 -6.66 -4.84 -0.16
C ILE B 29 -6.74 -6.36 -0.32
N THR B 30 -7.45 -7.01 0.58
CA THR B 30 -7.57 -8.46 0.51
C THR B 30 -8.96 -9.01 0.91
N GLY B 31 -9.51 -9.85 0.03
CA GLY B 31 -10.80 -10.48 0.22
C GLY B 31 -10.98 -11.56 -0.84
N GLU B 32 -11.89 -12.51 -0.63
CA GLU B 32 -12.13 -13.58 -1.61
C GLU B 32 -12.50 -12.98 -2.95
N SER B 33 -12.51 -13.80 -4.00
CA SER B 33 -12.88 -13.26 -5.30
C SER B 33 -14.24 -12.60 -5.18
N GLY B 34 -14.54 -11.64 -6.04
CA GLY B 34 -15.82 -10.93 -5.98
C GLY B 34 -16.21 -10.03 -4.81
N VAL B 35 -15.51 -10.09 -3.68
CA VAL B 35 -15.87 -9.28 -2.50
C VAL B 35 -15.93 -7.76 -2.66
N GLY B 36 -15.30 -7.22 -3.70
CA GLY B 36 -15.38 -5.78 -3.87
C GLY B 36 -14.04 -5.08 -3.75
N LYS B 37 -12.97 -5.86 -3.73
CA LYS B 37 -11.63 -5.30 -3.66
C LYS B 37 -11.55 -4.23 -4.75
N GLU B 38 -11.33 -4.64 -5.99
CA GLU B 38 -11.24 -3.68 -7.08
C GLU B 38 -12.34 -2.63 -7.05
N VAL B 39 -13.34 -2.77 -6.19
CA VAL B 39 -14.37 -1.75 -6.18
C VAL B 39 -13.96 -0.73 -5.16
N VAL B 40 -13.19 -1.18 -4.18
CA VAL B 40 -12.69 -0.30 -3.14
C VAL B 40 -11.52 0.51 -3.74
N ALA B 41 -10.54 -0.16 -4.35
CA ALA B 41 -9.45 0.59 -4.98
C ALA B 41 -10.13 1.75 -5.68
N ARG B 42 -10.88 1.45 -6.73
CA ARG B 42 -11.58 2.49 -7.44
C ARG B 42 -12.20 3.56 -6.54
N LEU B 43 -12.71 3.18 -5.38
CA LEU B 43 -13.35 4.17 -4.53
C LEU B 43 -12.32 4.95 -3.76
N ILE B 44 -11.25 4.27 -3.37
CA ILE B 44 -10.17 4.91 -2.64
C ILE B 44 -9.69 6.02 -3.55
N HIS B 45 -9.37 5.69 -4.79
CA HIS B 45 -8.93 6.68 -5.73
C HIS B 45 -10.01 7.75 -6.06
N LYS B 46 -11.27 7.41 -6.02
CA LYS B 46 -12.27 8.44 -6.33
C LYS B 46 -12.20 9.45 -5.19
N LEU B 47 -11.74 8.97 -4.06
CA LEU B 47 -11.66 9.78 -2.84
C LEU B 47 -10.30 10.42 -2.54
N SER B 48 -9.23 9.83 -3.07
CA SER B 48 -7.91 10.35 -2.83
C SER B 48 -7.89 11.75 -3.39
N ASP B 49 -6.78 12.45 -3.23
CA ASP B 49 -6.66 13.81 -3.71
C ASP B 49 -6.57 13.81 -5.22
N ARG B 50 -6.08 12.69 -5.76
CA ARG B 50 -5.91 12.55 -7.19
C ARG B 50 -7.04 11.80 -7.91
N SER B 51 -8.29 12.08 -7.55
CA SER B 51 -9.44 11.41 -8.15
C SER B 51 -9.52 11.77 -9.64
N LYS B 52 -9.37 13.05 -9.94
CA LYS B 52 -9.44 13.49 -11.30
C LYS B 52 -8.28 12.91 -12.09
N GLU B 53 -7.22 12.49 -11.40
CA GLU B 53 -6.06 11.92 -12.10
C GLU B 53 -6.42 10.51 -12.54
N PRO B 54 -5.67 9.97 -13.52
CA PRO B 54 -5.91 8.62 -14.04
C PRO B 54 -5.92 7.48 -13.04
N PHE B 55 -6.51 6.37 -13.49
CA PHE B 55 -6.56 5.14 -12.71
C PHE B 55 -6.05 4.04 -13.60
N VAL B 56 -4.82 3.61 -13.35
CA VAL B 56 -4.24 2.57 -14.16
C VAL B 56 -4.28 1.22 -13.48
N ALA B 57 -5.41 0.54 -13.67
CA ALA B 57 -5.62 -0.79 -13.10
C ALA B 57 -5.10 -1.82 -14.08
N LEU B 58 -4.32 -2.77 -13.59
CA LEU B 58 -3.82 -3.82 -14.43
C LEU B 58 -3.77 -5.15 -13.67
N ASN B 59 -4.44 -6.13 -14.25
CA ASN B 59 -4.50 -7.47 -13.66
C ASN B 59 -3.12 -8.08 -13.89
N VAL B 60 -2.46 -8.46 -12.81
CA VAL B 60 -1.15 -9.04 -12.93
C VAL B 60 -1.20 -10.45 -13.51
N ALA B 61 -2.42 -11.00 -13.61
CA ALA B 61 -2.61 -12.36 -14.15
C ALA B 61 -2.91 -12.28 -15.64
N SER B 62 -3.39 -11.11 -16.07
CA SER B 62 -3.74 -10.90 -17.47
C SER B 62 -2.53 -10.60 -18.35
N ILE B 63 -1.36 -11.13 -17.99
CA ILE B 63 -0.13 -10.94 -18.75
C ILE B 63 0.92 -12.01 -18.41
N PRO B 64 1.41 -12.74 -19.43
CA PRO B 64 2.41 -13.79 -19.17
C PRO B 64 3.58 -13.31 -18.32
N ARG B 65 3.79 -13.98 -17.18
CA ARG B 65 4.86 -13.64 -16.23
C ARG B 65 6.17 -13.15 -16.82
N ASP B 66 6.45 -13.48 -18.08
CA ASP B 66 7.70 -13.06 -18.71
C ASP B 66 7.63 -11.71 -19.43
N ILE B 67 6.44 -11.12 -19.51
CA ILE B 67 6.26 -9.84 -20.20
C ILE B 67 5.71 -8.75 -19.27
N PHE B 68 5.55 -9.10 -18.01
CA PHE B 68 5.04 -8.16 -17.02
C PHE B 68 6.15 -7.16 -16.72
N GLU B 69 7.36 -7.70 -16.59
CA GLU B 69 8.54 -6.90 -16.30
C GLU B 69 8.98 -6.23 -17.57
N ALA B 70 8.04 -6.01 -18.46
CA ALA B 70 8.35 -5.37 -19.72
C ALA B 70 7.24 -4.39 -19.99
N GLU B 71 6.11 -4.60 -19.35
CA GLU B 71 5.02 -3.69 -19.60
C GLU B 71 4.66 -2.84 -18.40
N LEU B 72 4.92 -3.35 -17.20
CA LEU B 72 4.61 -2.55 -16.03
C LEU B 72 5.46 -1.30 -16.07
N PHE B 73 6.76 -1.55 -16.06
CA PHE B 73 7.76 -0.50 -16.08
C PHE B 73 7.90 0.11 -17.47
N GLY B 74 8.69 -0.54 -18.31
CA GLY B 74 8.92 -0.07 -19.65
C GLY B 74 10.05 -0.89 -20.21
N TYR B 75 10.58 -0.52 -21.36
CA TYR B 75 11.67 -1.31 -21.95
C TYR B 75 12.73 -0.50 -22.68
N GLU B 76 14.01 -0.73 -22.36
CA GLU B 76 15.07 0.00 -23.05
C GLU B 76 15.34 -0.73 -24.37
N LYS B 77 15.30 0.01 -25.48
CA LYS B 77 15.51 -0.48 -26.84
C LYS B 77 16.50 -1.65 -26.98
N GLY B 78 16.38 -2.37 -28.10
CA GLY B 78 17.27 -3.48 -28.40
C GLY B 78 17.88 -4.18 -27.20
N ALA B 79 17.05 -4.94 -26.49
CA ALA B 79 17.48 -5.72 -25.33
C ALA B 79 16.78 -7.07 -25.45
N PHE B 80 15.76 -7.08 -26.31
CA PHE B 80 14.96 -8.25 -26.64
C PHE B 80 14.63 -8.10 -28.13
N THR B 81 15.04 -9.09 -28.92
CA THR B 81 14.85 -9.08 -30.38
C THR B 81 13.56 -8.37 -30.79
N GLY B 82 13.70 -7.22 -31.44
CA GLY B 82 12.55 -6.46 -31.89
C GLY B 82 12.04 -5.44 -30.89
N ALA B 83 12.33 -4.16 -31.14
CA ALA B 83 11.92 -3.07 -30.27
C ALA B 83 11.68 -1.85 -31.14
N VAL B 84 10.42 -1.46 -31.31
CA VAL B 84 10.05 -0.32 -32.14
C VAL B 84 10.39 1.03 -31.51
N SER B 85 10.59 1.02 -30.20
CA SER B 85 10.93 2.21 -29.42
C SER B 85 11.07 1.70 -27.99
N SER B 86 11.90 2.35 -27.18
CA SER B 86 12.02 1.91 -25.80
C SER B 86 10.57 1.99 -25.26
N LYS B 87 10.06 0.85 -24.76
CA LYS B 87 8.67 0.77 -24.28
C LYS B 87 8.28 1.58 -23.04
N GLU B 88 7.22 2.38 -23.19
CA GLU B 88 6.69 3.22 -22.10
C GLU B 88 6.30 2.30 -20.95
N GLY B 89 5.47 2.79 -20.03
CA GLY B 89 5.08 1.95 -18.91
C GLY B 89 3.75 2.27 -18.26
N PHE B 90 3.15 1.26 -17.65
CA PHE B 90 1.89 1.47 -16.99
C PHE B 90 2.21 2.32 -15.79
N PHE B 91 3.47 2.24 -15.36
CA PHE B 91 3.94 3.04 -14.25
C PHE B 91 3.98 4.48 -14.72
N GLU B 92 4.50 4.66 -15.95
CA GLU B 92 4.60 5.97 -16.58
C GLU B 92 3.24 6.47 -16.99
N LEU B 93 2.34 5.57 -17.38
CA LEU B 93 1.01 5.98 -17.79
C LEU B 93 0.23 6.33 -16.51
N ALA B 94 0.58 5.66 -15.43
CA ALA B 94 -0.06 5.87 -14.13
C ALA B 94 0.65 6.99 -13.35
N ASP B 95 1.67 7.57 -13.95
CA ASP B 95 2.39 8.66 -13.31
C ASP B 95 1.38 9.74 -12.98
N GLY B 96 1.47 10.24 -11.75
CA GLY B 96 0.55 11.29 -11.33
C GLY B 96 -0.77 10.75 -10.83
N GLY B 97 -1.03 9.47 -11.09
CA GLY B 97 -2.26 8.84 -10.66
C GLY B 97 -2.02 7.52 -9.96
N THR B 98 -3.11 6.76 -9.81
CA THR B 98 -3.07 5.46 -9.13
C THR B 98 -2.70 4.28 -10.02
N LEU B 99 -2.05 3.29 -9.44
CA LEU B 99 -1.66 2.09 -10.15
C LEU B 99 -2.13 0.92 -9.32
N PHE B 100 -3.31 0.41 -9.67
CA PHE B 100 -3.94 -0.69 -8.98
C PHE B 100 -3.49 -2.07 -9.49
N LEU B 101 -2.49 -2.65 -8.84
CA LEU B 101 -2.02 -3.96 -9.26
C LEU B 101 -2.94 -5.00 -8.65
N ASP B 102 -3.73 -5.67 -9.48
CA ASP B 102 -4.64 -6.69 -8.99
C ASP B 102 -3.93 -8.03 -8.91
N GLU B 103 -4.33 -8.85 -7.94
CA GLU B 103 -3.73 -10.16 -7.76
C GLU B 103 -2.23 -10.06 -7.66
N ILE B 104 -1.78 -9.46 -6.57
CA ILE B 104 -0.36 -9.26 -6.32
C ILE B 104 0.44 -10.55 -6.21
N GLY B 105 -0.04 -11.50 -5.42
CA GLY B 105 0.68 -12.76 -5.27
C GLY B 105 1.26 -13.30 -6.57
N GLU B 106 0.67 -12.90 -7.68
CA GLU B 106 1.11 -13.36 -8.99
C GLU B 106 2.24 -12.53 -9.57
N LEU B 107 3.04 -11.92 -8.70
CA LEU B 107 4.18 -11.14 -9.15
C LEU B 107 5.42 -11.98 -9.06
N SER B 108 6.23 -11.95 -10.11
CA SER B 108 7.46 -12.73 -10.12
C SER B 108 8.38 -12.16 -9.04
N LEU B 109 9.24 -12.99 -8.47
CA LEU B 109 10.16 -12.48 -7.47
C LEU B 109 10.93 -11.27 -8.02
N GLU B 110 11.31 -11.35 -9.30
CA GLU B 110 12.05 -10.29 -9.98
C GLU B 110 11.33 -8.95 -10.02
N ALA B 111 10.02 -8.98 -10.23
CA ALA B 111 9.27 -7.74 -10.27
C ALA B 111 8.87 -7.34 -8.86
N GLN B 112 8.61 -8.33 -8.00
CA GLN B 112 8.23 -8.04 -6.62
C GLN B 112 9.31 -7.12 -6.09
N ALA B 113 10.54 -7.45 -6.44
CA ALA B 113 11.67 -6.64 -6.02
C ALA B 113 11.57 -5.32 -6.76
N LYS B 114 11.65 -5.37 -8.09
CA LYS B 114 11.60 -4.16 -8.92
C LYS B 114 10.50 -3.16 -8.54
N LEU B 115 9.41 -3.65 -7.93
CA LEU B 115 8.33 -2.76 -7.54
C LEU B 115 8.78 -2.06 -6.28
N LEU B 116 9.21 -2.85 -5.30
CA LEU B 116 9.70 -2.35 -4.02
C LEU B 116 10.61 -1.16 -4.26
N ARG B 117 11.59 -1.36 -5.12
CA ARG B 117 12.54 -0.31 -5.45
C ARG B 117 11.85 0.96 -5.92
N VAL B 118 10.72 0.81 -6.60
CA VAL B 118 9.99 1.97 -7.10
C VAL B 118 8.98 2.54 -6.09
N ILE B 119 8.69 1.77 -5.04
CA ILE B 119 7.76 2.21 -4.02
C ILE B 119 8.50 3.12 -3.05
N GLU B 120 9.81 2.87 -2.93
CA GLU B 120 10.68 3.66 -2.04
C GLU B 120 11.38 4.80 -2.76
N SER B 121 12.09 4.49 -3.86
CA SER B 121 12.81 5.50 -4.61
C SER B 121 11.88 6.28 -5.55
N GLY B 122 10.93 5.60 -6.18
CA GLY B 122 10.01 6.27 -7.08
C GLY B 122 10.59 6.47 -8.45
N LYS B 123 11.83 6.01 -8.61
CA LYS B 123 12.54 6.13 -9.87
C LYS B 123 12.73 4.74 -10.45
N PHE B 124 12.71 4.64 -11.77
CA PHE B 124 12.93 3.35 -12.39
C PHE B 124 13.56 3.51 -13.76
N TYR B 125 14.18 2.42 -14.20
CA TYR B 125 14.89 2.31 -15.45
C TYR B 125 14.29 1.16 -16.27
N ARG B 126 14.18 1.34 -17.58
CA ARG B 126 13.62 0.30 -18.45
C ARG B 126 14.71 -0.68 -18.86
N LEU B 127 14.84 -1.80 -18.12
CA LEU B 127 15.86 -2.83 -18.36
C LEU B 127 17.21 -2.42 -17.73
N GLY B 128 18.31 -2.89 -18.33
CA GLY B 128 19.66 -2.59 -17.85
C GLY B 128 20.06 -1.16 -18.12
N GLY B 129 20.66 -0.53 -17.11
CA GLY B 129 21.08 0.86 -17.24
C GLY B 129 20.66 1.58 -15.97
N ARG B 130 20.18 2.81 -16.12
CA ARG B 130 19.75 3.57 -14.95
C ARG B 130 18.44 4.33 -15.15
N LYS B 131 17.88 4.77 -14.03
CA LYS B 131 16.64 5.54 -14.02
C LYS B 131 16.82 6.91 -14.70
N GLU B 132 15.86 7.28 -15.55
CA GLU B 132 15.90 8.56 -16.27
C GLU B 132 14.49 9.15 -16.34
N ILE B 133 13.58 8.57 -15.56
CA ILE B 133 12.18 9.02 -15.54
C ILE B 133 11.65 9.27 -14.13
N GLU B 134 10.73 10.22 -14.03
CA GLU B 134 10.13 10.58 -12.75
C GLU B 134 8.65 10.22 -12.70
N VAL B 135 8.31 9.25 -11.86
CA VAL B 135 6.93 8.80 -11.71
C VAL B 135 6.39 8.96 -10.29
N ASN B 136 5.21 9.57 -10.21
CA ASN B 136 4.53 9.79 -8.94
C ASN B 136 3.23 8.98 -9.00
N VAL B 137 3.32 7.70 -8.65
CA VAL B 137 2.15 6.82 -8.70
C VAL B 137 1.86 6.15 -7.37
N ARG B 138 0.62 6.25 -6.92
CA ARG B 138 0.21 5.64 -5.66
C ARG B 138 -0.11 4.17 -5.86
N ILE B 139 0.63 3.29 -5.20
CA ILE B 139 0.41 1.88 -5.34
C ILE B 139 -0.84 1.38 -4.62
N LEU B 140 -1.61 0.53 -5.29
CA LEU B 140 -2.84 -0.06 -4.73
C LEU B 140 -2.89 -1.52 -5.09
N ALA B 141 -2.40 -2.35 -4.19
CA ALA B 141 -2.36 -3.78 -4.43
C ALA B 141 -3.58 -4.45 -3.84
N ALA B 142 -4.08 -5.44 -4.55
CA ALA B 142 -5.25 -6.20 -4.13
C ALA B 142 -4.93 -7.60 -4.53
N THR B 143 -5.18 -8.52 -3.62
CA THR B 143 -4.93 -9.92 -3.88
C THR B 143 -5.98 -10.69 -3.10
N ASN B 144 -6.30 -11.90 -3.56
CA ASN B 144 -7.29 -12.73 -2.89
C ASN B 144 -6.63 -13.83 -2.07
N ARG B 145 -5.32 -13.97 -2.24
CA ARG B 145 -4.57 -14.97 -1.49
C ARG B 145 -4.14 -14.35 -0.16
N ASN B 146 -3.65 -15.17 0.75
CA ASN B 146 -3.18 -14.67 2.04
C ASN B 146 -1.69 -14.38 1.89
N ILE B 147 -1.34 -13.09 1.89
CA ILE B 147 0.05 -12.68 1.73
C ILE B 147 1.01 -13.35 2.69
N LYS B 148 0.79 -13.14 3.97
CA LYS B 148 1.63 -13.71 5.01
C LYS B 148 2.06 -15.13 4.66
N GLU B 149 1.08 -16.01 4.44
CA GLU B 149 1.40 -17.38 4.10
C GLU B 149 2.51 -17.38 3.06
N LEU B 150 2.19 -16.86 1.88
CA LEU B 150 3.14 -16.78 0.76
C LEU B 150 4.55 -16.38 1.19
N VAL B 151 4.64 -15.64 2.28
CA VAL B 151 5.94 -15.21 2.77
C VAL B 151 6.73 -16.39 3.33
N LYS B 152 6.05 -17.35 3.97
CA LYS B 152 6.75 -18.53 4.50
C LYS B 152 6.98 -19.56 3.38
N GLU B 153 6.35 -19.31 2.24
CA GLU B 153 6.53 -20.20 1.10
C GLU B 153 7.64 -19.61 0.25
N GLY B 154 8.04 -18.38 0.56
CA GLY B 154 9.11 -17.72 -0.17
C GLY B 154 8.69 -17.19 -1.53
N LYS B 155 7.41 -17.32 -1.84
CA LYS B 155 6.85 -16.85 -3.11
C LYS B 155 6.57 -15.35 -3.07
N PHE B 156 6.65 -14.76 -1.87
CA PHE B 156 6.38 -13.34 -1.72
C PHE B 156 7.34 -12.62 -0.80
N ARG B 157 8.04 -11.65 -1.37
CA ARG B 157 9.01 -10.84 -0.64
C ARG B 157 8.34 -10.18 0.57
N GLU B 158 8.90 -10.38 1.75
CA GLU B 158 8.35 -9.81 2.98
C GLU B 158 8.44 -8.29 3.05
N ASP B 159 9.62 -7.76 2.80
CA ASP B 159 9.85 -6.33 2.85
C ASP B 159 8.94 -5.59 1.89
N LEU B 160 8.53 -6.25 0.81
CA LEU B 160 7.60 -5.66 -0.17
C LEU B 160 6.20 -5.70 0.46
N TYR B 161 5.98 -6.67 1.36
CA TYR B 161 4.72 -6.78 2.04
C TYR B 161 4.50 -5.57 2.93
N TYR B 162 5.38 -5.43 3.93
CA TYR B 162 5.29 -4.31 4.87
C TYR B 162 5.27 -2.96 4.13
N ARG B 163 5.94 -2.87 3.00
CA ARG B 163 5.94 -1.62 2.23
C ARG B 163 4.55 -1.29 1.71
N LEU B 164 3.84 -2.28 1.17
CA LEU B 164 2.45 -2.10 0.68
C LEU B 164 1.49 -2.18 1.85
N GLY B 165 1.94 -2.83 2.92
CA GLY B 165 1.16 -3.01 4.13
C GLY B 165 1.05 -1.78 5.02
N VAL B 166 1.22 -0.61 4.43
CA VAL B 166 1.11 0.62 5.18
C VAL B 166 -0.34 0.68 5.63
N ILE B 167 -1.23 0.77 4.66
CA ILE B 167 -2.64 0.76 4.96
C ILE B 167 -3.16 -0.57 4.43
N GLU B 168 -3.87 -1.31 5.27
CA GLU B 168 -4.37 -2.61 4.86
C GLU B 168 -5.86 -2.77 5.10
N ILE B 169 -6.59 -3.05 4.02
CA ILE B 169 -8.03 -3.23 4.12
C ILE B 169 -8.34 -4.65 3.73
N GLU B 170 -9.21 -5.26 4.54
CA GLU B 170 -9.64 -6.65 4.35
C GLU B 170 -11.15 -6.76 4.17
N ILE B 171 -11.57 -7.09 2.94
CA ILE B 171 -12.98 -7.23 2.62
C ILE B 171 -13.53 -8.63 2.97
N PRO B 172 -14.48 -8.68 3.91
CA PRO B 172 -15.08 -9.95 4.31
C PRO B 172 -16.05 -10.47 3.24
N PRO B 173 -15.98 -11.77 2.91
CA PRO B 173 -16.87 -12.36 1.90
C PRO B 173 -18.31 -11.95 2.15
PB ADP C . 16.63 -2.05 8.62
O1B ADP C . 17.20 -2.36 9.94
O2B ADP C . 17.78 -1.58 7.60
O3B ADP C . 15.91 -3.22 8.06
PA ADP C . 15.82 0.64 8.11
O1A ADP C . 16.94 1.30 8.75
O2A ADP C . 16.03 0.59 6.67
O3A ADP C . 15.67 -0.81 8.70
O5' ADP C . 14.51 1.45 8.38
C5' ADP C . 13.31 1.07 9.02
C4' ADP C . 12.41 2.36 8.95
O4' ADP C . 12.15 2.66 10.31
C3' ADP C . 13.12 3.61 8.36
O3' ADP C . 12.43 4.15 7.22
C2' ADP C . 13.25 4.66 9.48
O2' ADP C . 12.68 5.93 9.13
C1' ADP C . 12.63 3.98 10.70
N9 ADP C . 13.58 3.72 11.85
C8 ADP C . 14.41 2.66 11.93
N7 ADP C . 15.10 2.70 13.04
C5 ADP C . 14.74 3.77 13.69
C6 ADP C . 15.12 4.31 14.91
N6 ADP C . 16.03 3.68 15.63
N1 ADP C . 14.54 5.50 15.33
C2 ADP C . 13.59 6.16 14.59
N3 ADP C . 13.21 5.62 13.40
C4 ADP C . 13.77 4.45 12.92
PB ADP D . -13.01 -8.32 -6.83
O1B ADP D . -13.27 -7.91 -5.44
O2B ADP D . -11.83 -7.47 -7.51
O3B ADP D . -12.70 -9.76 -6.93
PA ADP D . -14.76 -6.45 -7.94
O1A ADP D . -14.57 -5.67 -6.73
O2A ADP D . -14.01 -5.86 -9.05
O3A ADP D . -14.27 -7.91 -7.68
O5' ADP D . -16.28 -6.38 -8.35
C5' ADP D . -17.24 -7.40 -8.50
C4' ADP D . -18.54 -6.64 -8.96
O4' ADP D . -19.41 -6.50 -7.86
C3' ADP D . -18.39 -5.21 -9.58
O3' ADP D . -18.75 -5.17 -10.98
C2' ADP D . -19.25 -4.25 -8.75
O2' ADP D . -20.18 -3.47 -9.54
C1' ADP D . -19.90 -5.16 -7.73
N9 ADP D . -19.71 -4.76 -6.29
C8 ADP D . -18.78 -5.25 -5.44
N7 ADP D . -18.91 -4.70 -4.25
C5 ADP D . -19.92 -3.87 -4.30
C6 ADP D . -20.54 -3.01 -3.39
N6 ADP D . -20.09 -2.96 -2.14
N1 ADP D . -21.63 -2.23 -3.78
C2 ADP D . -22.12 -2.27 -5.06
N3 ADP D . -21.51 -3.10 -5.96
C4 ADP D . -20.44 -3.90 -5.62
#